data_6Z5E
#
_entry.id   6Z5E
#
_cell.length_a   77.760
_cell.length_b   78.800
_cell.length_c   81.710
_cell.angle_alpha   90.000
_cell.angle_beta   90.000
_cell.angle_gamma   90.000
#
_symmetry.space_group_name_H-M   'P 21 21 21'
#
loop_
_entity.id
_entity.type
_entity.pdbx_description
1 polymer 'Serine/threonine-protein kinase haspin'
2 non-polymer 'DIMETHYL SULFOXIDE'
3 non-polymer 'SODIUM ION'
4 non-polymer (4S)-2-METHYL-2,4-PENTANEDIOL
5 non-polymer 'SUCCINIC ACID'
6 non-polymer 11-cyclopropyl-14-(2-hydroxyethyl)-8,11,14,18,19,22-hexazatetracyclo[13.5.2.12,6.018,21]tricosa-1(21),2(23),3,5,15(22),16,19-heptaen-7-one
7 water water
#
_entity_poly.entity_id   1
_entity_poly.type   'polypeptide(L)'
_entity_poly.pdbx_seq_one_letter_code
;MHHHHHHSSGVDLGTENLYFQSMGECSQKGPVPFSHCLPTEKLQRCEKIGEGVFGEVFQTIADHTPVAIKIIAIEGPDLV
NGSHQKTFEEILPEIIISKELSLLSGEVCNRTEGFIGLNSVHCVQGSYPPLLLKAWDHYNSTKGSANDRPDFFKDDQLFI
VLEFEFGGIDLEQMRTKLSSLATAKSILHQLTASLAVAEASLRFEHRDLHWGNVLLKKTSLKKLHYTLNGKSSTIPSCGL
QVSIIDYTLSRLERDGIVVFCDVSMDEDLFTGDGDYQFDIYRLMKKENNNRWGEYHPYSNVLWLHYLTDKMLKQMTFKTK
CNTPAMKQIKRKIQEFHRTMLNFSSATDLLCQHSLFK
;
_entity_poly.pdbx_strand_id   A
#
# COMPACT_ATOMS: atom_id res chain seq x y z
N GLY A 30 -26.38 -4.48 -11.31
CA GLY A 30 -26.48 -5.49 -10.23
C GLY A 30 -25.24 -6.35 -10.15
N PRO A 31 -25.15 -7.21 -9.13
CA PRO A 31 -23.95 -8.05 -9.02
C PRO A 31 -23.76 -9.08 -10.15
N VAL A 32 -22.52 -9.47 -10.38
CA VAL A 32 -22.13 -10.48 -11.38
C VAL A 32 -21.63 -11.76 -10.69
N PRO A 33 -21.63 -12.90 -11.41
CA PRO A 33 -21.02 -14.09 -10.82
C PRO A 33 -19.52 -14.03 -10.78
N PHE A 34 -18.90 -14.87 -9.96
CA PHE A 34 -17.43 -14.91 -9.89
C PHE A 34 -16.79 -15.14 -11.27
N SER A 35 -17.45 -15.97 -12.07
CA SER A 35 -16.96 -16.28 -13.43
C SER A 35 -16.78 -15.07 -14.34
N HIS A 36 -17.48 -13.97 -14.07
CA HIS A 36 -17.29 -12.76 -14.83
C HIS A 36 -15.90 -12.12 -14.64
N CYS A 37 -15.36 -12.19 -13.43
CA CYS A 37 -14.01 -11.70 -13.07
C CYS A 37 -12.98 -12.75 -13.27
N LEU A 38 -13.37 -14.00 -13.01
CA LEU A 38 -12.47 -15.11 -13.00
C LEU A 38 -13.05 -16.22 -13.90
N PRO A 39 -12.91 -16.07 -15.23
CA PRO A 39 -13.26 -17.11 -16.18
C PRO A 39 -12.36 -18.30 -15.91
N THR A 40 -12.76 -19.45 -16.44
CA THR A 40 -12.17 -20.72 -15.99
CA THR A 40 -12.17 -20.75 -16.05
C THR A 40 -10.64 -20.75 -16.01
N GLU A 41 -10.01 -20.31 -17.09
CA GLU A 41 -8.54 -20.40 -17.15
C GLU A 41 -7.89 -19.46 -16.11
N LYS A 42 -8.42 -18.26 -15.98
CA LYS A 42 -7.93 -17.31 -14.97
C LYS A 42 -8.10 -17.86 -13.55
N LEU A 43 -9.27 -18.45 -13.27
CA LEU A 43 -9.50 -19.06 -12.00
C LEU A 43 -8.56 -20.25 -11.73
N GLN A 44 -8.32 -21.08 -12.75
CA GLN A 44 -7.44 -22.25 -12.62
C GLN A 44 -5.98 -21.82 -12.31
N ARG A 45 -5.60 -20.59 -12.69
CA ARG A 45 -4.24 -20.10 -12.48
C ARG A 45 -4.09 -19.33 -11.17
N CYS A 46 -5.17 -19.19 -10.36
CA CYS A 46 -5.07 -18.45 -9.13
C CYS A 46 -4.21 -19.17 -8.09
N GLU A 47 -3.31 -18.41 -7.45
CA GLU A 47 -2.55 -18.89 -6.28
C GLU A 47 -2.71 -17.83 -5.19
N LYS A 48 -2.92 -18.25 -3.94
CA LYS A 48 -3.05 -17.30 -2.87
C LYS A 48 -1.70 -16.72 -2.52
N ILE A 49 -1.65 -15.41 -2.39
CA ILE A 49 -0.39 -14.71 -2.02
C ILE A 49 -0.45 -13.96 -0.71
N GLY A 50 -1.64 -13.74 -0.15
CA GLY A 50 -1.71 -13.01 1.10
C GLY A 50 -3.10 -13.02 1.69
N GLU A 51 -3.21 -12.49 2.88
CA GLU A 51 -4.46 -12.49 3.65
C GLU A 51 -4.46 -11.39 4.71
N GLY A 52 -5.62 -11.09 5.22
CA GLY A 52 -5.74 -10.34 6.43
C GLY A 52 -7.13 -10.57 6.97
N VAL A 53 -7.47 -9.89 8.05
CA VAL A 53 -8.84 -10.00 8.56
C VAL A 53 -9.81 -9.57 7.46
N PHE A 54 -9.43 -8.61 6.61
CA PHE A 54 -10.29 -8.15 5.52
C PHE A 54 -10.77 -9.24 4.56
N GLY A 55 -9.97 -10.32 4.40
CA GLY A 55 -10.18 -11.28 3.28
C GLY A 55 -8.88 -11.83 2.72
N GLU A 56 -8.88 -12.01 1.40
CA GLU A 56 -7.89 -12.84 0.71
C GLU A 56 -7.33 -12.12 -0.50
N VAL A 57 -6.06 -12.42 -0.78
CA VAL A 57 -5.41 -11.90 -2.00
C VAL A 57 -4.83 -13.03 -2.81
N PHE A 58 -5.20 -13.10 -4.09
CA PHE A 58 -4.73 -14.09 -5.02
C PHE A 58 -3.93 -13.46 -6.15
N GLN A 59 -2.99 -14.21 -6.72
CA GLN A 59 -2.36 -13.81 -7.96
C GLN A 59 -2.86 -14.71 -9.04
N THR A 60 -3.02 -14.18 -10.26
CA THR A 60 -3.34 -15.02 -11.42
C THR A 60 -2.73 -14.34 -12.66
N ILE A 61 -3.02 -14.90 -13.81
CA ILE A 61 -2.41 -14.42 -15.05
C ILE A 61 -3.53 -14.25 -16.05
N ALA A 62 -3.54 -13.15 -16.78
CA ALA A 62 -4.39 -13.08 -17.99
C ALA A 62 -3.59 -12.32 -19.05
N ASP A 63 -3.72 -12.75 -20.30
CA ASP A 63 -2.94 -12.14 -21.37
C ASP A 63 -1.45 -12.01 -20.97
N HIS A 64 -0.94 -13.15 -20.47
CA HIS A 64 0.50 -13.32 -20.19
C HIS A 64 1.01 -12.42 -19.06
N THR A 65 0.11 -11.79 -18.30
CA THR A 65 0.48 -10.71 -17.37
C THR A 65 -0.09 -11.03 -16.02
N PRO A 66 0.76 -11.03 -14.97
CA PRO A 66 0.22 -11.24 -13.64
C PRO A 66 -0.61 -10.13 -13.12
N VAL A 67 -1.62 -10.47 -12.33
CA VAL A 67 -2.45 -9.53 -11.61
C VAL A 67 -2.73 -10.00 -10.20
N ALA A 68 -3.11 -9.09 -9.32
CA ALA A 68 -3.47 -9.44 -7.95
C ALA A 68 -4.96 -9.18 -7.77
N ILE A 69 -5.63 -10.10 -7.10
CA ILE A 69 -7.08 -10.06 -6.91
C ILE A 69 -7.35 -10.02 -5.42
N LYS A 70 -7.95 -8.94 -4.94
CA LYS A 70 -8.29 -8.75 -3.55
C LYS A 70 -9.80 -8.99 -3.41
N ILE A 71 -10.19 -9.91 -2.52
CA ILE A 71 -11.59 -10.33 -2.43
C ILE A 71 -12.08 -10.11 -1.01
N ILE A 72 -13.11 -9.31 -0.88
CA ILE A 72 -13.64 -8.87 0.41
C ILE A 72 -15.14 -9.18 0.49
N ALA A 73 -15.56 -9.99 1.51
CA ALA A 73 -16.99 -10.25 1.72
C ALA A 73 -17.63 -8.99 2.26
N ILE A 74 -18.81 -8.64 1.79
CA ILE A 74 -19.54 -7.47 2.32
C ILE A 74 -21.01 -7.81 2.58
N GLU A 75 -21.62 -7.00 3.45
CA GLU A 75 -23.06 -6.92 3.66
C GLU A 75 -23.72 -8.09 4.38
N GLY A 76 -23.02 -9.18 4.68
CA GLY A 76 -23.61 -10.34 5.34
C GLY A 76 -23.49 -10.36 6.86
N PRO A 77 -24.19 -11.31 7.48
CA PRO A 77 -24.25 -11.36 8.96
C PRO A 77 -23.19 -12.23 9.62
N ASP A 78 -22.47 -13.04 8.88
CA ASP A 78 -21.50 -13.94 9.47
C ASP A 78 -20.28 -13.14 9.89
N LEU A 79 -19.71 -13.51 11.02
CA LEU A 79 -18.33 -13.08 11.28
C LEU A 79 -17.45 -13.74 10.24
N VAL A 80 -16.43 -12.99 9.78
CA VAL A 80 -15.43 -13.50 8.86
C VAL A 80 -14.07 -13.15 9.47
N ASN A 81 -13.28 -14.18 9.74
CA ASN A 81 -11.98 -13.96 10.39
C ASN A 81 -12.12 -13.24 11.72
N GLY A 82 -13.22 -13.49 12.41
CA GLY A 82 -13.48 -12.95 13.76
C GLY A 82 -14.07 -11.56 13.81
N SER A 83 -14.34 -10.96 12.65
CA SER A 83 -14.82 -9.57 12.55
C SER A 83 -16.10 -9.47 11.72
N HIS A 84 -16.90 -8.43 11.97
CA HIS A 84 -18.09 -8.16 11.14
C HIS A 84 -17.71 -7.75 9.75
N GLN A 85 -18.49 -8.19 8.77
CA GLN A 85 -18.28 -7.72 7.39
C GLN A 85 -18.59 -6.24 7.25
N LYS A 86 -17.79 -5.54 6.44
CA LYS A 86 -18.12 -4.19 6.04
C LYS A 86 -19.42 -4.13 5.24
N THR A 87 -20.10 -3.00 5.35
CA THR A 87 -21.21 -2.69 4.46
C THR A 87 -20.63 -2.12 3.18
N PHE A 88 -21.49 -1.93 2.19
CA PHE A 88 -21.06 -1.30 0.95
C PHE A 88 -20.60 0.15 1.25
N GLU A 89 -21.29 0.86 2.13
CA GLU A 89 -20.92 2.25 2.55
CA GLU A 89 -20.88 2.24 2.44
C GLU A 89 -19.49 2.26 3.11
N GLU A 90 -19.18 1.26 3.91
CA GLU A 90 -17.87 1.16 4.55
C GLU A 90 -16.73 0.75 3.61
N ILE A 91 -16.99 0.01 2.54
CA ILE A 91 -15.97 -0.41 1.61
C ILE A 91 -15.74 0.65 0.49
N LEU A 92 -16.73 1.51 0.27
CA LEU A 92 -16.60 2.52 -0.77
C LEU A 92 -15.34 3.39 -0.71
N PRO A 93 -14.94 3.85 0.49
CA PRO A 93 -13.72 4.67 0.51
C PRO A 93 -12.52 3.99 -0.08
N GLU A 94 -12.27 2.71 0.24
CA GLU A 94 -11.14 2.02 -0.33
C GLU A 94 -11.24 1.94 -1.84
N ILE A 95 -12.44 1.68 -2.34
CA ILE A 95 -12.68 1.65 -3.79
C ILE A 95 -12.34 2.99 -4.46
N ILE A 96 -12.88 4.07 -3.92
CA ILE A 96 -12.71 5.42 -4.47
C ILE A 96 -11.24 5.81 -4.45
N ILE A 97 -10.59 5.54 -3.31
CA ILE A 97 -9.19 5.94 -3.17
C ILE A 97 -8.29 5.14 -4.07
N SER A 98 -8.54 3.84 -4.19
CA SER A 98 -7.81 3.02 -5.14
C SER A 98 -7.87 3.58 -6.57
N LYS A 99 -9.05 3.98 -7.00
CA LYS A 99 -9.21 4.53 -8.33
CA LYS A 99 -9.26 4.54 -8.33
C LYS A 99 -8.50 5.86 -8.48
N GLU A 100 -8.68 6.76 -7.51
CA GLU A 100 -8.03 8.08 -7.62
C GLU A 100 -6.51 7.98 -7.66
N LEU A 101 -5.93 7.10 -6.85
CA LEU A 101 -4.48 7.00 -6.84
C LEU A 101 -3.93 6.32 -8.08
N SER A 102 -4.68 5.34 -8.63
CA SER A 102 -4.28 4.73 -9.87
C SER A 102 -4.28 5.73 -11.00
N LEU A 103 -5.28 6.63 -11.02
CA LEU A 103 -5.37 7.62 -12.07
C LEU A 103 -4.23 8.63 -12.12
N LEU A 104 -3.45 8.74 -11.01
CA LEU A 104 -2.33 9.67 -11.01
C LEU A 104 -1.28 9.27 -12.03
N SER A 105 -1.25 7.99 -12.47
CA SER A 105 -0.26 7.62 -13.48
C SER A 105 -0.47 8.26 -14.84
N GLY A 106 -1.67 8.74 -15.10
CA GLY A 106 -2.06 9.32 -16.37
C GLY A 106 -2.35 10.79 -16.32
N GLU A 107 -2.13 11.43 -15.16
CA GLU A 107 -2.32 12.89 -15.06
C GLU A 107 -1.13 13.69 -15.51
N VAL A 108 -1.23 15.00 -15.50
CA VAL A 108 -0.23 15.89 -16.08
C VAL A 108 0.45 16.77 -15.05
N CYS A 109 -0.29 17.60 -14.33
CA CYS A 109 0.31 18.48 -13.33
C CYS A 109 0.84 17.73 -12.09
N ASN A 110 0.12 16.69 -11.68
CA ASN A 110 0.51 15.86 -10.53
C ASN A 110 0.42 14.41 -10.97
N ARG A 111 1.59 13.85 -11.33
CA ARG A 111 1.69 12.55 -11.96
C ARG A 111 2.70 11.68 -11.22
N THR A 112 2.28 10.45 -10.91
CA THR A 112 3.17 9.43 -10.33
C THR A 112 2.64 8.04 -10.65
N GLU A 113 3.56 7.09 -10.85
CA GLU A 113 3.21 5.68 -10.98
C GLU A 113 3.51 4.94 -9.69
N GLY A 114 3.74 5.65 -8.58
CA GLY A 114 4.15 5.00 -7.34
C GLY A 114 3.08 4.41 -6.47
N PHE A 115 1.82 4.49 -6.92
N PHE A 115 1.83 4.54 -6.88
CA PHE A 115 0.68 3.76 -6.30
CA PHE A 115 0.77 3.79 -6.21
C PHE A 115 0.28 2.59 -7.18
C PHE A 115 0.64 2.51 -7.01
N ILE A 116 -0.30 1.54 -6.63
N ILE A 116 -0.56 2.00 -7.17
CA ILE A 116 -0.63 0.36 -7.51
CA ILE A 116 -0.67 0.71 -7.82
C ILE A 116 -1.75 0.64 -8.59
C ILE A 116 -1.80 0.82 -8.76
N GLY A 117 -1.66 0.18 -9.87
CA GLY A 117 -2.69 0.31 -10.84
C GLY A 117 -3.91 -0.51 -10.49
N LEU A 118 -5.06 0.08 -10.67
CA LEU A 118 -6.35 -0.61 -10.50
C LEU A 118 -6.91 -0.94 -11.87
N ASN A 119 -7.01 -2.23 -12.18
CA ASN A 119 -7.61 -2.66 -13.46
C ASN A 119 -9.14 -2.60 -13.49
N SER A 120 -9.77 -3.09 -12.40
CA SER A 120 -11.21 -3.20 -12.38
C SER A 120 -11.68 -3.45 -10.95
N VAL A 121 -12.96 -3.13 -10.74
CA VAL A 121 -13.67 -3.39 -9.48
CA VAL A 121 -13.63 -3.46 -9.47
C VAL A 121 -15.03 -3.95 -9.81
N HIS A 122 -15.42 -5.03 -9.16
CA HIS A 122 -16.73 -5.61 -9.34
C HIS A 122 -17.36 -5.98 -8.01
N CYS A 123 -18.69 -5.94 -8.03
CA CYS A 123 -19.50 -6.56 -6.96
C CYS A 123 -20.00 -7.89 -7.46
N VAL A 124 -19.56 -8.95 -6.77
CA VAL A 124 -19.82 -10.33 -7.15
C VAL A 124 -20.82 -10.94 -6.17
N GLN A 125 -21.67 -11.85 -6.65
CA GLN A 125 -22.55 -12.60 -5.78
C GLN A 125 -22.34 -14.10 -6.01
N GLY A 126 -22.22 -14.86 -4.93
CA GLY A 126 -22.15 -16.28 -5.00
C GLY A 126 -21.41 -16.90 -3.84
N SER A 127 -21.43 -18.23 -3.77
CA SER A 127 -20.56 -18.93 -2.83
C SER A 127 -19.11 -18.88 -3.31
N TYR A 128 -18.15 -19.17 -2.44
CA TYR A 128 -16.74 -19.05 -2.86
C TYR A 128 -16.40 -20.11 -3.85
N PRO A 129 -15.73 -19.75 -4.96
CA PRO A 129 -15.41 -20.78 -5.94
C PRO A 129 -14.55 -21.92 -5.39
N PRO A 130 -14.95 -23.17 -5.64
CA PRO A 130 -14.09 -24.30 -5.24
C PRO A 130 -12.64 -24.20 -5.67
N LEU A 131 -12.37 -23.64 -6.83
CA LEU A 131 -10.96 -23.46 -7.25
C LEU A 131 -10.18 -22.47 -6.39
N LEU A 132 -10.86 -21.44 -5.86
CA LEU A 132 -10.19 -20.53 -4.94
C LEU A 132 -9.99 -21.23 -3.57
N LEU A 133 -10.92 -22.06 -3.16
CA LEU A 133 -10.76 -22.87 -1.93
C LEU A 133 -9.56 -23.82 -2.05
N LYS A 134 -9.33 -24.40 -3.22
CA LYS A 134 -8.12 -25.21 -3.49
C LYS A 134 -6.83 -24.40 -3.29
N ALA A 135 -6.82 -23.18 -3.82
CA ALA A 135 -5.69 -22.28 -3.65
C ALA A 135 -5.54 -21.88 -2.18
N TRP A 136 -6.65 -21.67 -1.52
CA TRP A 136 -6.63 -21.28 -0.10
C TRP A 136 -5.99 -22.41 0.74
N ASP A 137 -6.40 -23.62 0.46
CA ASP A 137 -5.89 -24.82 1.17
C ASP A 137 -4.39 -25.00 0.95
N HIS A 138 -3.93 -24.80 -0.27
CA HIS A 138 -2.51 -24.97 -0.56
C HIS A 138 -1.66 -23.99 0.29
N TYR A 139 -2.13 -22.76 0.42
CA TYR A 139 -1.42 -21.71 1.20
C TYR A 139 -1.47 -22.13 2.69
N ASN A 140 -2.61 -22.65 3.11
CA ASN A 140 -2.76 -23.05 4.56
C ASN A 140 -1.79 -24.19 4.92
N SER A 141 -1.66 -25.13 4.00
CA SER A 141 -0.70 -26.24 4.12
C SER A 141 0.77 -25.86 4.10
N THR A 142 1.15 -24.85 3.33
CA THR A 142 2.54 -24.53 3.16
C THR A 142 2.99 -23.40 4.06
N LYS A 143 2.20 -22.33 4.15
CA LYS A 143 2.53 -21.13 4.94
C LYS A 143 1.77 -21.02 6.26
N GLY A 144 0.58 -21.61 6.34
CA GLY A 144 -0.29 -21.48 7.51
C GLY A 144 -1.16 -20.22 7.35
N SER A 145 -2.43 -20.33 7.75
CA SER A 145 -3.37 -19.19 7.64
C SER A 145 -3.91 -18.87 9.02
N ALA A 146 -4.11 -17.56 9.29
CA ALA A 146 -4.84 -17.09 10.48
C ALA A 146 -6.35 -16.95 10.19
N ASN A 147 -6.75 -17.11 8.94
CA ASN A 147 -8.16 -16.94 8.55
C ASN A 147 -9.00 -18.18 8.59
N ASP A 148 -10.33 -17.99 8.63
CA ASP A 148 -11.27 -19.05 8.47
C ASP A 148 -11.23 -19.53 7.00
N ARG A 149 -11.36 -20.85 6.79
CA ARG A 149 -11.50 -21.35 5.42
C ARG A 149 -12.82 -20.78 4.85
N PRO A 150 -12.77 -20.07 3.70
CA PRO A 150 -13.95 -19.29 3.27
C PRO A 150 -14.97 -20.15 2.53
N ASP A 151 -15.45 -21.21 3.18
CA ASP A 151 -16.27 -22.23 2.55
C ASP A 151 -17.70 -22.20 3.04
N PHE A 152 -18.03 -21.20 3.84
CA PHE A 152 -19.32 -21.14 4.56
C PHE A 152 -20.31 -20.11 3.99
N PHE A 153 -19.90 -19.45 2.91
CA PHE A 153 -20.73 -18.47 2.22
C PHE A 153 -21.80 -19.13 1.37
N LYS A 154 -23.00 -18.56 1.41
CA LYS A 154 -24.12 -18.99 0.58
C LYS A 154 -24.18 -18.30 -0.76
N ASP A 155 -25.10 -18.77 -1.61
CA ASP A 155 -25.16 -18.29 -2.98
C ASP A 155 -25.68 -16.86 -3.14
N ASP A 156 -26.15 -16.24 -2.07
CA ASP A 156 -26.55 -14.83 -2.09
C ASP A 156 -25.48 -13.89 -1.53
N GLN A 157 -24.33 -14.43 -1.13
CA GLN A 157 -23.29 -13.62 -0.54
C GLN A 157 -22.69 -12.62 -1.51
N LEU A 158 -22.52 -11.36 -1.07
CA LEU A 158 -21.81 -10.35 -1.86
C LEU A 158 -20.36 -10.21 -1.48
N PHE A 159 -19.58 -9.91 -2.52
CA PHE A 159 -18.16 -9.62 -2.37
C PHE A 159 -17.80 -8.41 -3.24
N ILE A 160 -16.76 -7.71 -2.83
CA ILE A 160 -16.04 -6.77 -3.74
C ILE A 160 -14.78 -7.48 -4.19
N VAL A 161 -14.57 -7.49 -5.51
CA VAL A 161 -13.37 -8.05 -6.14
C VAL A 161 -12.62 -6.90 -6.80
N LEU A 162 -11.45 -6.59 -6.27
CA LEU A 162 -10.56 -5.54 -6.83
C LEU A 162 -9.43 -6.22 -7.55
N GLU A 163 -9.24 -5.87 -8.83
CA GLU A 163 -8.13 -6.47 -9.61
C GLU A 163 -7.11 -5.36 -9.79
N PHE A 164 -5.92 -5.65 -9.31
CA PHE A 164 -4.79 -4.70 -9.36
C PHE A 164 -3.71 -5.24 -10.26
N GLU A 165 -2.91 -4.28 -10.75
CA GLU A 165 -1.58 -4.58 -11.29
C GLU A 165 -0.77 -5.41 -10.27
N PHE A 166 0.08 -6.30 -10.74
CA PHE A 166 0.97 -7.02 -9.84
C PHE A 166 2.18 -6.12 -9.50
N GLY A 167 2.35 -5.85 -8.23
CA GLY A 167 3.31 -4.84 -7.77
C GLY A 167 4.62 -5.44 -7.27
N GLY A 168 4.72 -6.75 -7.12
CA GLY A 168 5.95 -7.41 -6.65
C GLY A 168 5.81 -7.91 -5.24
N ILE A 169 6.88 -7.78 -4.44
CA ILE A 169 7.00 -8.40 -3.13
C ILE A 169 7.16 -7.29 -2.10
N ASP A 170 6.56 -7.45 -0.90
CA ASP A 170 6.62 -6.40 0.08
C ASP A 170 7.99 -6.21 0.73
N LEU A 171 8.20 -5.00 1.25
CA LEU A 171 9.50 -4.59 1.83
C LEU A 171 9.87 -5.52 2.99
N GLU A 172 8.89 -5.91 3.82
CA GLU A 172 9.18 -6.85 4.94
C GLU A 172 9.76 -8.16 4.44
N GLN A 173 9.16 -8.71 3.38
CA GLN A 173 9.62 -9.95 2.78
CA GLN A 173 9.62 -9.96 2.82
C GLN A 173 10.97 -9.82 2.09
N MET A 174 11.36 -8.59 1.76
CA MET A 174 12.65 -8.26 1.19
C MET A 174 13.68 -7.81 2.26
N ARG A 175 13.39 -8.03 3.54
CA ARG A 175 14.31 -7.65 4.62
C ARG A 175 15.77 -7.99 4.38
N THR A 176 16.07 -9.16 3.83
CA THR A 176 17.45 -9.65 3.64
C THR A 176 17.84 -9.76 2.17
N LYS A 177 17.07 -9.07 1.30
CA LYS A 177 17.15 -9.28 -0.14
CA LYS A 177 17.20 -9.30 -0.14
C LYS A 177 17.74 -8.12 -0.94
N LEU A 178 17.83 -6.93 -0.37
CA LEU A 178 18.27 -5.77 -1.11
C LEU A 178 19.78 -5.65 -1.16
N SER A 179 20.26 -4.99 -2.21
CA SER A 179 21.67 -4.90 -2.50
C SER A 179 22.48 -4.08 -1.49
N SER A 180 22.01 -2.86 -1.25
CA SER A 180 22.74 -1.90 -0.39
C SER A 180 21.86 -0.75 0.03
N LEU A 181 22.40 0.08 0.91
CA LEU A 181 21.71 1.27 1.31
C LEU A 181 21.44 2.25 0.18
N ALA A 182 22.15 2.18 -0.94
CA ALA A 182 21.77 2.99 -2.12
C ALA A 182 20.37 2.63 -2.61
N THR A 183 20.06 1.36 -2.52
CA THR A 183 18.70 0.90 -2.85
C THR A 183 17.68 1.47 -1.87
N ALA A 184 18.00 1.51 -0.58
CA ALA A 184 17.11 2.07 0.43
C ALA A 184 16.85 3.55 0.14
N LYS A 185 17.87 4.27 -0.31
CA LYS A 185 17.68 5.68 -0.68
C LYS A 185 16.68 5.84 -1.80
N SER A 186 16.86 5.07 -2.86
CA SER A 186 15.88 5.12 -3.97
C SER A 186 14.47 4.83 -3.50
N ILE A 187 14.29 3.80 -2.67
CA ILE A 187 12.99 3.43 -2.17
C ILE A 187 12.37 4.58 -1.39
N LEU A 188 13.12 5.17 -0.46
CA LEU A 188 12.63 6.32 0.31
C LEU A 188 12.29 7.52 -0.60
N HIS A 189 13.13 7.79 -1.59
CA HIS A 189 12.86 8.87 -2.52
C HIS A 189 11.57 8.63 -3.31
N GLN A 190 11.41 7.41 -3.81
CA GLN A 190 10.17 7.02 -4.56
C GLN A 190 8.95 7.20 -3.69
N LEU A 191 9.01 6.69 -2.48
CA LEU A 191 7.88 6.81 -1.54
C LEU A 191 7.54 8.27 -1.25
N THR A 192 8.57 9.08 -0.97
CA THR A 192 8.35 10.48 -0.64
C THR A 192 7.72 11.21 -1.82
N ALA A 193 8.25 10.98 -3.01
CA ALA A 193 7.73 11.67 -4.23
C ALA A 193 6.26 11.25 -4.46
N SER A 194 5.98 9.97 -4.36
CA SER A 194 4.55 9.52 -4.59
C SER A 194 3.60 10.18 -3.60
N LEU A 195 3.94 10.19 -2.35
CA LEU A 195 3.12 10.81 -1.31
C LEU A 195 2.95 12.30 -1.55
N ALA A 196 4.03 12.96 -1.98
CA ALA A 196 3.97 14.40 -2.27
C ALA A 196 2.98 14.69 -3.41
N VAL A 197 3.06 13.93 -4.49
CA VAL A 197 2.18 14.13 -5.63
C VAL A 197 0.72 13.94 -5.19
N ALA A 198 0.48 12.92 -4.39
CA ALA A 198 -0.88 12.67 -3.87
C ALA A 198 -1.38 13.74 -2.90
N GLU A 199 -0.47 14.30 -2.06
CA GLU A 199 -0.80 15.44 -1.23
C GLU A 199 -1.26 16.62 -2.11
N ALA A 200 -0.49 16.89 -3.15
CA ALA A 200 -0.70 18.08 -3.97
C ALA A 200 -2.02 17.95 -4.75
N SER A 201 -2.31 16.74 -5.24
CA SER A 201 -3.48 16.48 -6.12
CA SER A 201 -3.49 16.56 -6.10
C SER A 201 -4.78 16.28 -5.30
N LEU A 202 -4.64 15.59 -4.19
CA LEU A 202 -5.80 14.96 -3.51
C LEU A 202 -5.85 15.22 -2.03
N ARG A 203 -4.89 15.96 -1.46
CA ARG A 203 -4.82 16.12 -0.01
C ARG A 203 -4.87 14.73 0.68
N PHE A 204 -4.04 13.87 0.16
CA PHE A 204 -3.97 12.47 0.52
C PHE A 204 -3.13 12.20 1.77
N GLU A 205 -3.65 11.31 2.63
CA GLU A 205 -2.84 10.67 3.71
C GLU A 205 -3.03 9.16 3.62
N HIS A 206 -1.94 8.42 3.56
CA HIS A 206 -2.08 6.97 3.53
C HIS A 206 -2.63 6.37 4.84
N ARG A 207 -2.01 6.77 5.96
CA ARG A 207 -2.40 6.43 7.34
C ARG A 207 -2.10 5.03 7.82
N ASP A 208 -1.47 4.18 7.00
CA ASP A 208 -1.16 2.78 7.41
C ASP A 208 -0.02 2.22 6.58
N LEU A 209 1.04 3.01 6.37
CA LEU A 209 2.10 2.68 5.44
C LEU A 209 3.21 1.86 6.15
N HIS A 210 2.79 0.75 6.76
CA HIS A 210 3.74 -0.17 7.32
C HIS A 210 4.45 -0.91 6.18
N TRP A 211 5.55 -1.61 6.54
CA TRP A 211 6.41 -2.18 5.47
C TRP A 211 5.80 -3.36 4.69
N GLY A 212 4.66 -3.84 5.15
CA GLY A 212 3.88 -4.79 4.35
C GLY A 212 3.13 -4.15 3.19
N ASN A 213 3.00 -2.82 3.25
CA ASN A 213 2.25 -2.04 2.23
C ASN A 213 3.10 -1.26 1.25
N VAL A 214 4.38 -1.62 1.19
CA VAL A 214 5.34 -1.12 0.22
C VAL A 214 5.77 -2.29 -0.64
N LEU A 215 5.43 -2.30 -1.94
CA LEU A 215 5.84 -3.40 -2.82
C LEU A 215 6.99 -2.98 -3.70
N LEU A 216 7.86 -3.96 -4.01
CA LEU A 216 9.02 -3.76 -4.85
C LEU A 216 9.01 -4.72 -6.02
N LYS A 217 9.26 -4.22 -7.25
CA LYS A 217 9.47 -5.07 -8.40
CA LYS A 217 9.44 -5.05 -8.40
C LYS A 217 10.60 -4.55 -9.28
N LYS A 218 11.21 -5.47 -9.98
CA LYS A 218 12.31 -5.13 -10.88
C LYS A 218 11.83 -4.23 -11.99
N THR A 219 12.67 -3.27 -12.36
CA THR A 219 12.46 -2.46 -13.55
C THR A 219 13.79 -2.40 -14.31
N SER A 220 13.72 -2.34 -15.63
CA SER A 220 14.84 -2.07 -16.47
C SER A 220 15.08 -0.58 -16.69
N LEU A 221 14.18 0.26 -16.23
CA LEU A 221 14.37 1.69 -16.30
C LEU A 221 15.45 2.13 -15.31
N LYS A 222 16.35 2.99 -15.78
CA LYS A 222 17.36 3.55 -14.91
C LYS A 222 16.84 4.69 -14.06
N LYS A 223 15.86 5.43 -14.57
CA LYS A 223 15.29 6.62 -13.88
C LYS A 223 13.78 6.49 -13.96
N LEU A 224 13.14 6.90 -12.90
CA LEU A 224 11.66 6.95 -12.83
C LEU A 224 11.27 8.44 -12.82
N HIS A 225 10.08 8.75 -13.36
CA HIS A 225 9.64 10.11 -13.58
C HIS A 225 8.41 10.43 -12.76
N TYR A 226 8.36 11.62 -12.21
CA TYR A 226 7.14 12.13 -11.54
C TYR A 226 6.99 13.63 -11.91
N THR A 227 5.79 14.16 -11.71
CA THR A 227 5.52 15.58 -11.87
C THR A 227 4.78 16.08 -10.67
N LEU A 228 5.27 17.15 -10.02
CA LEU A 228 4.70 17.73 -8.82
C LEU A 228 4.34 19.19 -9.15
N ASN A 229 3.05 19.54 -9.08
CA ASN A 229 2.58 20.88 -9.39
C ASN A 229 3.24 21.45 -10.66
N GLY A 230 3.24 20.63 -11.71
CA GLY A 230 3.71 21.05 -13.02
C GLY A 230 5.21 20.96 -13.24
N LYS A 231 5.97 20.60 -12.21
CA LYS A 231 7.44 20.46 -12.34
C LYS A 231 7.86 18.97 -12.34
N SER A 232 8.48 18.54 -13.44
CA SER A 232 8.88 17.16 -13.61
C SER A 232 10.31 16.93 -13.11
N SER A 233 10.55 15.78 -12.53
CA SER A 233 11.88 15.38 -12.07
CA SER A 233 11.91 15.38 -12.17
C SER A 233 12.04 13.88 -12.22
N THR A 234 13.23 13.38 -11.92
CA THR A 234 13.51 11.95 -12.03
C THR A 234 14.16 11.40 -10.74
N ILE A 235 14.06 10.09 -10.57
CA ILE A 235 14.62 9.40 -9.42
C ILE A 235 15.37 8.18 -9.95
N PRO A 236 16.67 8.04 -9.60
CA PRO A 236 17.34 6.82 -10.05
C PRO A 236 16.72 5.62 -9.37
N SER A 237 16.42 4.59 -10.16
CA SER A 237 15.65 3.45 -9.68
C SER A 237 16.41 2.41 -8.85
N CYS A 238 17.73 2.32 -9.04
CA CYS A 238 18.48 1.16 -8.52
C CYS A 238 17.83 -0.16 -8.92
N GLY A 239 17.18 -0.19 -10.09
CA GLY A 239 16.60 -1.40 -10.64
C GLY A 239 15.27 -1.81 -10.00
N LEU A 240 14.67 -0.97 -9.18
CA LEU A 240 13.39 -1.32 -8.47
C LEU A 240 12.35 -0.22 -8.64
N GLN A 241 11.10 -0.63 -8.82
CA GLN A 241 9.99 0.29 -8.82
C GLN A 241 9.14 0.01 -7.61
N VAL A 242 8.86 1.04 -6.84
CA VAL A 242 8.06 0.95 -5.63
C VAL A 242 6.57 1.19 -5.96
N SER A 243 5.70 0.37 -5.38
CA SER A 243 4.24 0.61 -5.40
C SER A 243 3.70 0.62 -3.97
N ILE A 244 3.02 1.69 -3.61
CA ILE A 244 2.31 1.82 -2.34
C ILE A 244 0.94 1.17 -2.49
N ILE A 245 0.53 0.36 -1.53
CA ILE A 245 -0.75 -0.37 -1.59
C ILE A 245 -1.57 -0.15 -0.29
N ASP A 246 -2.81 -0.65 -0.33
CA ASP A 246 -3.70 -0.86 0.80
C ASP A 246 -4.25 0.44 1.39
N TYR A 247 -5.40 0.86 0.87
CA TYR A 247 -5.96 2.16 1.22
C TYR A 247 -7.09 2.10 2.20
N THR A 248 -7.12 1.06 3.01
CA THR A 248 -8.22 0.81 3.98
CA THR A 248 -8.21 0.85 3.99
C THR A 248 -8.36 1.89 5.09
N LEU A 249 -7.25 2.54 5.47
CA LEU A 249 -7.32 3.64 6.45
C LEU A 249 -7.09 5.03 5.83
N SER A 250 -6.94 5.10 4.50
CA SER A 250 -6.54 6.32 3.87
C SER A 250 -7.61 7.40 3.80
N ARG A 251 -7.16 8.62 3.47
CA ARG A 251 -8.01 9.79 3.39
C ARG A 251 -7.62 10.63 2.20
N LEU A 252 -8.60 11.21 1.52
CA LEU A 252 -8.30 12.25 0.51
C LEU A 252 -9.56 13.09 0.33
N GLU A 253 -9.47 14.08 -0.54
CA GLU A 253 -10.65 14.89 -0.80
C GLU A 253 -10.61 15.38 -2.23
N ARG A 254 -11.79 15.65 -2.80
CA ARG A 254 -11.88 16.36 -4.09
CA ARG A 254 -11.88 16.36 -4.09
C ARG A 254 -13.06 17.33 -3.98
N ASP A 255 -12.79 18.60 -4.28
CA ASP A 255 -13.83 19.65 -4.21
C ASP A 255 -14.54 19.74 -2.85
N GLY A 256 -13.74 19.56 -1.78
CA GLY A 256 -14.21 19.60 -0.39
C GLY A 256 -15.00 18.44 0.13
N ILE A 257 -15.11 17.37 -0.69
CA ILE A 257 -15.77 16.15 -0.30
C ILE A 257 -14.65 15.23 0.19
N VAL A 258 -14.68 14.91 1.48
CA VAL A 258 -13.62 14.08 2.08
C VAL A 258 -14.06 12.60 2.12
N VAL A 259 -13.14 11.75 1.74
CA VAL A 259 -13.32 10.30 1.79
C VAL A 259 -12.29 9.76 2.76
N PHE A 260 -12.73 9.06 3.78
CA PHE A 260 -11.81 8.57 4.81
C PHE A 260 -12.41 7.43 5.61
N CYS A 261 -11.58 6.85 6.50
CA CYS A 261 -12.02 5.88 7.50
C CYS A 261 -12.01 6.51 8.89
N ASP A 262 -13.21 6.65 9.47
CA ASP A 262 -13.35 7.22 10.80
C ASP A 262 -13.00 6.16 11.85
N VAL A 263 -11.79 6.26 12.37
CA VAL A 263 -11.31 5.39 13.44
C VAL A 263 -11.33 6.05 14.83
N SER A 264 -12.05 7.14 14.97
CA SER A 264 -12.08 7.88 16.21
C SER A 264 -12.61 7.07 17.40
N MET A 265 -13.40 6.03 17.15
CA MET A 265 -13.96 5.21 18.25
C MET A 265 -13.38 3.80 18.28
N ASP A 266 -12.36 3.55 17.46
CA ASP A 266 -11.66 2.27 17.45
C ASP A 266 -10.79 2.29 18.71
N GLU A 267 -10.74 1.19 19.44
CA GLU A 267 -9.86 1.14 20.62
C GLU A 267 -8.53 0.50 20.22
N ASP A 268 -8.67 -0.71 19.67
CA ASP A 268 -7.55 -1.61 19.40
C ASP A 268 -6.49 -1.02 18.54
N LEU A 269 -6.87 -0.17 17.58
CA LEU A 269 -5.88 0.42 16.69
C LEU A 269 -4.76 1.16 17.44
N PHE A 270 -5.08 1.72 18.60
CA PHE A 270 -4.17 2.59 19.33
C PHE A 270 -3.49 1.94 20.55
N THR A 271 -3.63 0.63 20.70
CA THR A 271 -3.07 -0.08 21.85
C THR A 271 -2.11 -1.20 21.44
N GLY A 272 -1.56 -1.14 20.22
CA GLY A 272 -0.52 -2.05 19.83
C GLY A 272 0.82 -1.72 20.50
N ASP A 273 1.69 -2.74 20.51
CA ASP A 273 3.02 -2.64 21.12
CA ASP A 273 3.01 -2.67 21.16
C ASP A 273 3.99 -3.56 20.39
N GLY A 274 5.27 -3.37 20.64
CA GLY A 274 6.31 -4.26 20.08
C GLY A 274 6.94 -3.83 18.75
N ASP A 275 6.48 -2.72 18.18
CA ASP A 275 7.02 -2.19 16.92
C ASP A 275 6.68 -0.70 16.88
N TYR A 276 7.57 0.12 16.36
CA TYR A 276 7.33 1.54 16.17
C TYR A 276 6.06 1.79 15.34
N GLN A 277 5.71 0.85 14.46
CA GLN A 277 4.42 0.89 13.74
C GLN A 277 3.26 1.29 14.65
N PHE A 278 3.15 0.65 15.80
CA PHE A 278 2.00 0.87 16.70
C PHE A 278 2.03 2.23 17.38
N ASP A 279 3.23 2.80 17.54
CA ASP A 279 3.33 4.19 18.00
C ASP A 279 2.81 5.18 16.95
N ILE A 280 3.02 4.88 15.67
CA ILE A 280 2.53 5.79 14.59
C ILE A 280 1.02 6.02 14.68
N TYR A 281 0.25 4.97 14.99
CA TYR A 281 -1.20 5.17 15.11
C TYR A 281 -1.50 6.16 16.22
N ARG A 282 -0.83 6.01 17.37
CA ARG A 282 -1.00 6.94 18.48
C ARG A 282 -0.51 8.36 18.13
N LEU A 283 0.63 8.47 17.45
CA LEU A 283 1.17 9.79 17.05
C LEU A 283 0.27 10.51 16.01
N MET A 284 -0.36 9.74 15.12
CA MET A 284 -1.36 10.32 14.23
C MET A 284 -2.54 10.88 14.99
N LYS A 285 -3.04 10.13 15.98
CA LYS A 285 -4.16 10.58 16.79
C LYS A 285 -3.81 11.84 17.58
N LYS A 286 -2.56 11.94 18.06
CA LYS A 286 -2.08 13.15 18.72
C LYS A 286 -2.07 14.34 17.74
N GLU A 287 -1.46 14.16 16.56
CA GLU A 287 -1.41 15.20 15.55
C GLU A 287 -2.79 15.72 15.14
N ASN A 288 -3.80 14.84 15.04
CA ASN A 288 -5.12 15.26 14.49
C ASN A 288 -6.21 15.45 15.53
N ASN A 289 -5.85 15.37 16.82
CA ASN A 289 -6.81 15.54 17.91
C ASN A 289 -8.00 14.60 17.82
N ASN A 290 -7.75 13.43 17.23
CA ASN A 290 -8.76 12.41 16.97
C ASN A 290 -9.88 12.79 16.00
N ARG A 291 -9.61 13.73 15.09
CA ARG A 291 -10.55 14.18 14.06
C ARG A 291 -9.98 13.75 12.70
N TRP A 292 -10.47 12.62 12.23
CA TRP A 292 -9.89 11.89 11.08
C TRP A 292 -10.35 12.44 9.74
N GLY A 293 -11.38 13.30 9.75
CA GLY A 293 -11.80 13.95 8.51
C GLY A 293 -10.84 15.06 8.08
N GLU A 294 -10.14 15.64 9.04
CA GLU A 294 -9.22 16.75 8.76
C GLU A 294 -8.03 16.30 7.94
N TYR A 295 -7.36 17.27 7.30
CA TYR A 295 -6.14 17.01 6.54
C TYR A 295 -4.90 17.34 7.38
N HIS A 296 -4.15 16.31 7.72
CA HIS A 296 -2.88 16.40 8.46
C HIS A 296 -1.79 15.67 7.69
N PRO A 297 -1.21 16.31 6.65
CA PRO A 297 -0.18 15.60 5.92
C PRO A 297 1.07 15.23 6.72
N TYR A 298 1.21 15.76 7.93
CA TYR A 298 2.27 15.24 8.80
C TYR A 298 2.18 13.74 9.07
N SER A 299 0.98 13.14 8.93
CA SER A 299 0.96 11.70 9.08
C SER A 299 1.81 10.98 8.02
N ASN A 300 1.90 11.52 6.80
CA ASN A 300 2.76 10.93 5.79
C ASN A 300 4.26 11.00 6.22
N VAL A 301 4.61 12.08 6.86
CA VAL A 301 5.97 12.21 7.42
C VAL A 301 6.23 11.16 8.49
N LEU A 302 5.25 10.95 9.38
CA LEU A 302 5.41 9.97 10.43
C LEU A 302 5.64 8.58 9.79
N TRP A 303 4.83 8.21 8.80
CA TRP A 303 5.04 6.90 8.16
C TRP A 303 6.41 6.81 7.46
N LEU A 304 6.83 7.88 6.78
CA LEU A 304 8.13 7.88 6.15
C LEU A 304 9.25 7.74 7.21
N HIS A 305 9.04 8.32 8.38
CA HIS A 305 10.04 8.20 9.47
C HIS A 305 10.10 6.77 9.96
N TYR A 306 8.93 6.14 10.13
CA TYR A 306 8.88 4.71 10.47
C TYR A 306 9.57 3.85 9.41
N LEU A 307 9.37 4.17 8.13
CA LEU A 307 10.00 3.37 7.06
C LEU A 307 11.54 3.57 7.04
N THR A 308 11.97 4.80 7.27
CA THR A 308 13.42 5.08 7.36
C THR A 308 14.05 4.31 8.53
N ASP A 309 13.35 4.31 9.66
CA ASP A 309 13.73 3.58 10.85
C ASP A 309 13.90 2.09 10.49
N LYS A 310 12.95 1.52 9.74
CA LYS A 310 13.08 0.10 9.28
C LYS A 310 14.32 -0.10 8.41
N MET A 311 14.57 0.85 7.52
CA MET A 311 15.74 0.77 6.63
C MET A 311 17.09 0.69 7.42
N LEU A 312 17.16 1.46 8.50
CA LEU A 312 18.38 1.56 9.28
C LEU A 312 18.49 0.49 10.33
N LYS A 313 17.39 -0.03 10.83
CA LYS A 313 17.42 -0.96 11.99
C LYS A 313 17.07 -2.40 11.75
N GLN A 314 16.18 -2.69 10.77
CA GLN A 314 15.75 -4.07 10.55
CA GLN A 314 15.66 -4.04 10.49
C GLN A 314 16.14 -4.60 9.18
N MET A 315 16.24 -3.76 8.16
CA MET A 315 16.67 -4.24 6.86
C MET A 315 18.15 -4.60 7.01
N THR A 316 18.59 -5.61 6.24
CA THR A 316 20.00 -5.98 6.23
C THR A 316 20.40 -6.25 4.80
N PHE A 317 21.52 -5.66 4.39
CA PHE A 317 21.90 -5.57 3.00
C PHE A 317 22.99 -6.51 2.61
N LYS A 318 22.96 -6.93 1.36
CA LYS A 318 23.91 -7.90 0.87
C LYS A 318 25.37 -7.38 0.84
N THR A 319 25.51 -6.12 0.47
CA THR A 319 26.75 -5.36 0.54
C THR A 319 26.61 -4.20 1.53
N LYS A 320 27.50 -4.21 2.53
CA LYS A 320 27.49 -3.18 3.58
C LYS A 320 28.25 -1.96 3.05
N CYS A 321 28.23 -0.84 3.80
CA CYS A 321 28.81 0.40 3.29
C CYS A 321 30.29 0.36 3.63
N ASN A 322 31.07 0.24 2.55
CA ASN A 322 32.52 0.17 2.60
C ASN A 322 33.23 1.34 1.83
N THR A 323 32.81 1.69 0.61
CA THR A 323 33.39 2.83 -0.13
C THR A 323 33.03 4.23 0.47
N PRO A 324 33.86 5.27 0.20
CA PRO A 324 33.46 6.63 0.61
C PRO A 324 32.08 7.07 0.11
N ALA A 325 31.79 6.83 -1.17
CA ALA A 325 30.50 7.25 -1.76
C ALA A 325 29.30 6.56 -1.05
N MET A 326 29.51 5.29 -0.65
CA MET A 326 28.49 4.49 0.08
CA MET A 326 28.48 4.50 0.06
C MET A 326 28.38 4.91 1.53
N LYS A 327 29.52 5.23 2.12
CA LYS A 327 29.54 5.76 3.47
C LYS A 327 28.78 7.08 3.62
N GLN A 328 28.88 7.91 2.58
CA GLN A 328 28.19 9.18 2.47
C GLN A 328 26.70 8.94 2.39
N ILE A 329 26.29 7.95 1.59
CA ILE A 329 24.86 7.60 1.50
C ILE A 329 24.31 7.19 2.88
N LYS A 330 25.01 6.33 3.60
CA LYS A 330 24.56 5.92 4.93
C LYS A 330 24.41 7.10 5.90
N ARG A 331 25.43 7.96 5.97
CA ARG A 331 25.30 9.14 6.83
C ARG A 331 24.13 10.02 6.44
N LYS A 332 23.87 10.15 5.13
CA LYS A 332 22.74 10.96 4.70
C LYS A 332 21.38 10.38 5.10
N ILE A 333 21.24 9.05 5.04
CA ILE A 333 20.00 8.42 5.49
C ILE A 333 19.85 8.56 7.02
N GLN A 334 20.97 8.45 7.73
CA GLN A 334 20.93 8.71 9.20
C GLN A 334 20.51 10.15 9.50
N GLU A 335 21.06 11.09 8.75
CA GLU A 335 20.65 12.48 8.88
C GLU A 335 19.19 12.71 8.57
N PHE A 336 18.67 12.07 7.52
CA PHE A 336 17.26 12.10 7.21
C PHE A 336 16.41 11.62 8.39
N HIS A 337 16.80 10.51 8.97
CA HIS A 337 16.08 9.96 10.10
C HIS A 337 15.94 10.93 11.24
N ARG A 338 17.02 11.65 11.55
CA ARG A 338 17.05 12.51 12.75
CA ARG A 338 17.04 12.51 12.75
C ARG A 338 16.46 13.91 12.49
N THR A 339 16.18 14.26 11.23
CA THR A 339 15.69 15.60 10.88
C THR A 339 14.28 15.63 10.30
N MET A 340 13.88 14.54 9.67
CA MET A 340 12.63 14.53 8.86
C MET A 340 11.35 14.86 9.65
N LEU A 341 11.33 14.56 10.96
CA LEU A 341 10.17 14.89 11.77
C LEU A 341 9.94 16.38 11.92
N ASN A 342 10.91 17.22 11.54
CA ASN A 342 10.73 18.68 11.54
C ASN A 342 10.23 19.26 10.22
N PHE A 343 9.69 18.40 9.35
CA PHE A 343 9.07 18.80 8.09
C PHE A 343 7.56 18.54 8.17
N SER A 344 6.78 19.33 7.44
CA SER A 344 5.34 19.37 7.67
CA SER A 344 5.33 19.37 7.63
C SER A 344 4.53 18.42 6.79
N SER A 345 5.14 17.85 5.75
CA SER A 345 4.44 17.01 4.77
C SER A 345 5.46 16.28 3.92
N ALA A 346 5.03 15.27 3.16
CA ALA A 346 5.90 14.67 2.16
C ALA A 346 6.37 15.71 1.10
N THR A 347 5.46 16.63 0.77
CA THR A 347 5.80 17.67 -0.17
C THR A 347 7.00 18.50 0.36
N ASP A 348 6.93 18.94 1.61
CA ASP A 348 8.00 19.71 2.26
C ASP A 348 9.30 18.89 2.23
N LEU A 349 9.23 17.59 2.56
CA LEU A 349 10.42 16.76 2.51
C LEU A 349 11.03 16.70 1.12
N LEU A 350 10.21 16.40 0.11
CA LEU A 350 10.72 16.25 -1.23
C LEU A 350 11.36 17.52 -1.72
N CYS A 351 10.73 18.66 -1.44
CA CYS A 351 11.14 19.92 -2.02
C CYS A 351 12.27 20.58 -1.25
N GLN A 352 12.39 20.29 0.05
CA GLN A 352 13.37 21.00 0.88
C GLN A 352 14.45 20.15 1.53
N HIS A 353 14.25 18.83 1.70
CA HIS A 353 15.25 18.03 2.41
C HIS A 353 16.51 17.82 1.60
N SER A 354 17.68 17.93 2.22
CA SER A 354 18.97 17.78 1.53
C SER A 354 19.15 16.36 0.93
N LEU A 355 18.48 15.37 1.47
CA LEU A 355 18.61 13.97 0.97
C LEU A 355 18.28 13.87 -0.52
N PHE A 356 17.35 14.71 -0.98
CA PHE A 356 16.86 14.66 -2.36
C PHE A 356 17.43 15.68 -3.29
N LYS A 357 18.51 16.34 -2.90
CA LYS A 357 19.24 17.27 -3.77
C LYS A 357 20.41 16.58 -4.45
#